data_8TRW
#
_entry.id   8TRW
#
_cell.length_a   68.353
_cell.length_b   88.789
_cell.length_c   108.166
_cell.angle_alpha   90.00
_cell.angle_beta   90.00
_cell.angle_gamma   90.00
#
_symmetry.space_group_name_H-M   'I 2 2 2'
#
loop_
_entity.id
_entity.type
_entity.pdbx_description
1 polymer 'Lipoyl synthase, mitochondrial'
2 branched alpha-D-glucopyranose-(1-1)-alpha-D-glucopyranose
3 non-polymer 2,3-DIHYDROXY-1,4-DITHIOBUTANE
4 non-polymer 'SULFATE ION'
5 non-polymer 'IRON/SULFUR CLUSTER'
6 water water
#
_entity_poly.entity_id   1
_entity_poly.type   'polypeptide(L)'
_entity_poly.pdbx_seq_one_letter_code
;MSLRCGDAARTLGPRVFGRYFCSPVRPLSSLPDKKKELLQNGPDLQDFVSGDLADRSTWDEYKGNLKRQKGERLRLPPWL
KTEIPMGKNYNKLKNTLRNLNLHTVCEEARCPNIGECWGGGEYATATATIMLMGDTCTRGCRFCSVKTARNPPPLDASEP
YNTAKAIAEWGLDYVVLTSVDRDDMPDGGAEHIAKTVSYLKERNPKILVECLTPDFRGDLKAIEKVALSGLDVYAHNVET
VPELQSKVRDPRVNFDQSLRVLKHAKKVQPDVISKTSIMLGLGENDEQVYATMKALREADVDCLTLGQYMQPTRRHLKVE
EYITPEKFKYWEKVGNELGFHYTASGPLVRSSYKAGEFFLKNLVAKRK
;
_entity_poly.pdbx_strand_id   A
#
loop_
_chem_comp.id
_chem_comp.type
_chem_comp.name
_chem_comp.formula
DTT non-polymer 2,3-DIHYDROXY-1,4-DITHIOBUTANE 'C4 H10 O2 S2'
GLC D-saccharide, alpha linking alpha-D-glucopyranose 'C6 H12 O6'
SF4 non-polymer 'IRON/SULFUR CLUSTER' 'Fe4 S4'
SO4 non-polymer 'SULFATE ION' 'O4 S -2'
#
# COMPACT_ATOMS: atom_id res chain seq x y z
N ARG A 75 -26.30 2.75 7.49
CA ARG A 75 -26.33 1.86 6.32
C ARG A 75 -25.35 2.37 5.25
N LEU A 76 -24.29 1.60 4.99
CA LEU A 76 -23.28 1.99 4.01
C LEU A 76 -23.91 2.07 2.61
N PRO A 77 -23.39 2.95 1.77
CA PRO A 77 -23.86 3.00 0.39
C PRO A 77 -23.46 1.74 -0.36
N PRO A 78 -24.17 1.42 -1.44
CA PRO A 78 -23.98 0.11 -2.09
C PRO A 78 -22.64 -0.01 -2.82
N TRP A 79 -22.00 1.12 -3.12
CA TRP A 79 -20.71 1.04 -3.78
C TRP A 79 -19.56 0.67 -2.83
N LEU A 80 -19.84 0.44 -1.54
CA LEU A 80 -18.83 -0.03 -0.61
C LEU A 80 -18.97 -1.52 -0.32
N LYS A 81 -19.81 -2.20 -1.07
CA LYS A 81 -20.06 -3.62 -0.93
CA LYS A 81 -20.10 -3.61 -0.94
C LYS A 81 -19.54 -4.35 -2.15
N THR A 82 -19.17 -5.62 -1.97
CA THR A 82 -18.86 -6.47 -3.11
C THR A 82 -19.62 -7.79 -2.96
N GLU A 83 -19.76 -8.47 -4.09
CA GLU A 83 -20.26 -9.83 -4.11
C GLU A 83 -19.23 -10.77 -3.52
N ILE A 84 -19.72 -11.89 -2.98
CA ILE A 84 -18.86 -12.93 -2.45
C ILE A 84 -17.87 -13.30 -3.55
N PRO A 85 -16.62 -13.58 -3.21
CA PRO A 85 -15.67 -14.04 -4.23
C PRO A 85 -16.02 -15.46 -4.64
N MET A 86 -16.06 -15.69 -5.95
CA MET A 86 -16.45 -17.00 -6.48
C MET A 86 -15.62 -17.45 -7.66
N GLY A 87 -14.63 -16.68 -8.09
CA GLY A 87 -13.91 -17.00 -9.31
C GLY A 87 -13.10 -18.29 -9.18
N LYS A 88 -12.96 -18.96 -10.32
CA LYS A 88 -12.08 -20.11 -10.47
C LYS A 88 -10.65 -19.80 -9.99
N ASN A 89 -10.13 -18.64 -10.38
CA ASN A 89 -8.76 -18.28 -10.01
C ASN A 89 -8.66 -18.00 -8.52
N TYR A 90 -9.62 -17.26 -7.96
CA TYR A 90 -9.66 -17.05 -6.53
C TYR A 90 -9.68 -18.37 -5.79
N ASN A 91 -10.51 -19.31 -6.23
CA ASN A 91 -10.61 -20.56 -5.50
C ASN A 91 -9.30 -21.32 -5.51
N LYS A 92 -8.61 -21.35 -6.66
CA LYS A 92 -7.34 -22.06 -6.77
C LYS A 92 -6.27 -21.42 -5.88
N LEU A 93 -6.17 -20.08 -5.87
CA LEU A 93 -5.23 -19.41 -4.97
C LEU A 93 -5.57 -19.69 -3.51
N LYS A 94 -6.85 -19.64 -3.16
CA LYS A 94 -7.28 -19.87 -1.79
C LYS A 94 -6.93 -21.28 -1.34
N ASN A 95 -7.17 -22.29 -2.18
CA ASN A 95 -6.86 -23.65 -1.77
C ASN A 95 -5.36 -23.83 -1.56
N THR A 96 -4.55 -23.34 -2.50
CA THR A 96 -3.10 -23.47 -2.38
C THR A 96 -2.57 -22.79 -1.12
N LEU A 97 -3.10 -21.61 -0.80
CA LEU A 97 -2.61 -20.87 0.37
C LEU A 97 -2.83 -21.66 1.66
N ARG A 98 -3.87 -22.49 1.72
CA ARG A 98 -4.21 -23.05 3.02
C ARG A 98 -3.16 -24.03 3.51
N ASN A 99 -2.42 -24.67 2.60
CA ASN A 99 -1.37 -25.58 3.02
C ASN A 99 -0.01 -24.89 3.11
N LEU A 100 0.05 -23.57 2.91
CA LEU A 100 1.29 -22.81 3.11
C LEU A 100 1.29 -22.17 4.49
N ASN A 101 2.47 -21.76 4.94
CA ASN A 101 2.61 -21.04 6.20
C ASN A 101 2.78 -19.55 5.85
N LEU A 102 1.64 -18.86 5.74
CA LEU A 102 1.62 -17.50 5.21
C LEU A 102 0.27 -16.87 5.54
N HIS A 103 0.29 -15.70 6.18
CA HIS A 103 -0.90 -14.92 6.42
C HIS A 103 -0.97 -13.72 5.46
N THR A 104 -2.18 -13.36 5.05
CA THR A 104 -2.34 -12.21 4.18
C THR A 104 -3.20 -11.14 4.86
N VAL A 105 -2.88 -9.89 4.56
CA VAL A 105 -3.74 -8.79 4.97
C VAL A 105 -5.10 -8.94 4.32
N CYS A 106 -5.14 -9.47 3.08
CA CYS A 106 -6.38 -9.67 2.35
C CYS A 106 -7.38 -10.41 3.20
N GLU A 107 -6.94 -11.47 3.84
CA GLU A 107 -7.83 -12.28 4.69
C GLU A 107 -7.97 -11.68 6.07
N GLU A 108 -6.87 -11.25 6.68
CA GLU A 108 -6.93 -10.81 8.06
C GLU A 108 -7.79 -9.56 8.20
N ALA A 109 -7.72 -8.64 7.24
CA ALA A 109 -8.53 -7.43 7.22
C ALA A 109 -9.91 -7.65 6.64
N ARG A 110 -10.25 -8.88 6.26
CA ARG A 110 -11.54 -9.18 5.64
C ARG A 110 -11.79 -8.24 4.48
N CYS A 111 -10.80 -8.16 3.57
CA CYS A 111 -10.89 -7.12 2.55
C CYS A 111 -11.98 -7.46 1.54
N PRO A 112 -12.80 -6.49 1.17
CA PRO A 112 -13.86 -6.78 0.19
C PRO A 112 -13.34 -7.00 -1.21
N ASN A 113 -12.05 -6.74 -1.47
CA ASN A 113 -11.56 -6.81 -2.84
C ASN A 113 -10.94 -8.14 -3.22
N ILE A 114 -10.98 -9.14 -2.33
CA ILE A 114 -10.14 -10.33 -2.54
C ILE A 114 -10.50 -11.06 -3.83
N GLY A 115 -11.78 -11.12 -4.17
CA GLY A 115 -12.16 -11.81 -5.40
C GLY A 115 -11.64 -11.15 -6.65
N GLU A 116 -11.41 -9.84 -6.58
CA GLU A 116 -10.86 -9.11 -7.71
C GLU A 116 -9.34 -9.20 -7.73
N CYS A 117 -8.70 -8.98 -6.57
CA CYS A 117 -7.23 -9.00 -6.55
C CYS A 117 -6.67 -10.39 -6.82
N TRP A 118 -7.28 -11.44 -6.27
CA TRP A 118 -6.79 -12.80 -6.45
C TRP A 118 -7.32 -13.41 -7.75
N GLY A 119 -6.83 -12.88 -8.88
CA GLY A 119 -7.09 -13.47 -10.17
C GLY A 119 -8.36 -13.04 -10.85
N GLY A 120 -9.05 -12.02 -10.34
CA GLY A 120 -10.33 -11.67 -10.91
C GLY A 120 -10.29 -10.63 -12.01
N GLY A 121 -9.13 -10.04 -12.32
CA GLY A 121 -9.06 -8.93 -13.25
C GLY A 121 -8.79 -9.37 -14.69
N GLU A 122 -8.60 -8.36 -15.54
CA GLU A 122 -8.47 -8.54 -16.99
C GLU A 122 -7.26 -9.41 -17.36
N TYR A 123 -6.15 -9.26 -16.65
CA TYR A 123 -4.98 -10.08 -16.89
C TYR A 123 -4.93 -11.33 -16.01
N ALA A 124 -5.93 -11.52 -15.16
CA ALA A 124 -5.98 -12.66 -14.26
C ALA A 124 -4.77 -12.70 -13.33
N THR A 125 -4.19 -11.54 -13.00
CA THR A 125 -3.06 -11.53 -12.08
C THR A 125 -3.53 -11.77 -10.67
N ALA A 126 -2.62 -12.34 -9.87
CA ALA A 126 -2.83 -12.51 -8.44
C ALA A 126 -1.97 -11.49 -7.71
N THR A 127 -2.63 -10.56 -7.00
CA THR A 127 -2.02 -9.59 -6.11
C THR A 127 -2.44 -9.90 -4.68
N ALA A 128 -1.50 -9.83 -3.74
CA ALA A 128 -1.87 -9.96 -2.34
C ALA A 128 -0.91 -9.10 -1.52
N THR A 129 -1.31 -8.79 -0.28
CA THR A 129 -0.57 -7.96 0.63
C THR A 129 -0.19 -8.79 1.84
N ILE A 130 1.09 -8.76 2.19
CA ILE A 130 1.65 -9.54 3.30
C ILE A 130 2.39 -8.60 4.23
N MET A 131 2.07 -8.65 5.53
CA MET A 131 2.71 -7.77 6.49
CA MET A 131 2.71 -7.77 6.50
C MET A 131 3.96 -8.45 7.06
N LEU A 132 5.07 -7.74 7.03
CA LEU A 132 6.32 -8.23 7.61
C LEU A 132 6.47 -7.65 9.02
N MET A 133 7.13 -8.41 9.91
CA MET A 133 7.48 -7.93 11.25
C MET A 133 6.23 -7.68 12.11
N GLY A 134 5.21 -8.51 11.94
CA GLY A 134 4.08 -8.50 12.85
C GLY A 134 2.85 -7.87 12.23
N ASP A 135 1.68 -8.35 12.66
CA ASP A 135 0.41 -7.86 12.12
C ASP A 135 -0.28 -6.87 13.06
N THR A 136 0.43 -6.32 14.03
CA THR A 136 -0.10 -5.28 14.89
C THR A 136 0.82 -4.07 14.87
N CYS A 137 0.30 -2.95 15.36
CA CYS A 137 1.11 -1.73 15.51
C CYS A 137 0.83 -1.12 16.87
N THR A 138 1.85 -0.49 17.45
CA THR A 138 1.62 0.16 18.74
C THR A 138 1.12 1.60 18.66
N ARG A 139 1.08 2.24 17.48
CA ARG A 139 0.88 3.70 17.44
CA ARG A 139 0.89 3.70 17.49
C ARG A 139 -0.57 4.12 17.62
N GLY A 140 -1.52 3.28 17.23
CA GLY A 140 -2.94 3.65 17.43
C GLY A 140 -3.41 4.88 16.67
N CYS A 141 -2.93 5.09 15.45
CA CYS A 141 -3.30 6.29 14.69
C CYS A 141 -4.82 6.34 14.48
N ARG A 142 -5.31 7.58 14.37
CA ARG A 142 -6.75 7.89 14.41
C ARG A 142 -7.53 7.33 13.23
N PHE A 143 -6.87 6.97 12.13
CA PHE A 143 -7.55 6.53 10.91
C PHE A 143 -7.26 5.08 10.61
N CYS A 144 -6.35 4.43 11.31
CA CYS A 144 -5.71 3.23 10.82
C CYS A 144 -6.43 1.96 11.24
N SER A 145 -6.55 1.02 10.29
N SER A 145 -6.55 1.02 10.31
CA SER A 145 -7.25 -0.23 10.51
CA SER A 145 -7.27 -0.21 10.58
C SER A 145 -6.36 -1.35 11.04
C SER A 145 -6.35 -1.35 11.02
N VAL A 146 -5.04 -1.13 11.07
CA VAL A 146 -4.15 -2.19 11.58
C VAL A 146 -4.50 -2.47 13.03
N LYS A 147 -4.48 -3.75 13.41
CA LYS A 147 -4.76 -4.11 14.81
C LYS A 147 -3.76 -3.46 15.76
N THR A 148 -4.26 -2.98 16.92
CA THR A 148 -3.40 -2.30 17.89
C THR A 148 -2.90 -3.31 18.93
N ALA A 149 -1.69 -3.07 19.40
CA ALA A 149 -1.13 -3.86 20.51
C ALA A 149 -0.23 -2.96 21.34
N ARG A 150 -0.05 -3.32 22.61
CA ARG A 150 0.78 -2.43 23.42
C ARG A 150 2.28 -2.59 23.16
N ASN A 151 2.73 -3.73 22.66
CA ASN A 151 4.14 -3.72 22.33
C ASN A 151 4.39 -4.39 20.99
N PRO A 152 5.53 -4.09 20.35
CA PRO A 152 5.86 -4.76 19.12
C PRO A 152 6.19 -6.21 19.38
N PRO A 153 5.95 -7.09 18.42
CA PRO A 153 6.35 -8.49 18.54
C PRO A 153 7.83 -8.62 18.24
N PRO A 154 8.45 -9.75 18.60
CA PRO A 154 9.87 -9.94 18.30
C PRO A 154 10.11 -10.15 16.80
N LEU A 155 11.29 -9.72 16.37
CA LEU A 155 11.71 -9.96 14.99
C LEU A 155 12.04 -11.43 14.82
N ASP A 156 11.40 -12.09 13.84
CA ASP A 156 11.70 -13.47 13.51
C ASP A 156 12.75 -13.48 12.41
N ALA A 157 13.96 -13.95 12.74
CA ALA A 157 15.04 -13.91 11.76
C ALA A 157 14.82 -14.87 10.60
N SER A 158 13.93 -15.85 10.73
CA SER A 158 13.66 -16.76 9.63
C SER A 158 12.54 -16.27 8.72
N GLU A 159 11.89 -15.15 9.08
CA GLU A 159 10.76 -14.67 8.28
C GLU A 159 11.16 -14.26 6.85
N PRO A 160 12.26 -13.54 6.62
CA PRO A 160 12.60 -13.21 5.21
C PRO A 160 12.71 -14.43 4.32
N TYR A 161 13.45 -15.46 4.76
CA TYR A 161 13.58 -16.68 3.97
C TYR A 161 12.24 -17.40 3.84
N ASN A 162 11.52 -17.57 4.96
CA ASN A 162 10.30 -18.37 4.90
C ASN A 162 9.21 -17.69 4.10
N THR A 163 9.08 -16.37 4.27
CA THR A 163 8.03 -15.64 3.59
C THR A 163 8.29 -15.53 2.10
N ALA A 164 9.56 -15.31 1.72
CA ALA A 164 9.90 -15.34 0.29
C ALA A 164 9.61 -16.70 -0.30
N LYS A 165 9.94 -17.77 0.43
CA LYS A 165 9.70 -19.12 -0.09
C LYS A 165 8.21 -19.36 -0.29
N ALA A 166 7.39 -18.96 0.69
CA ALA A 166 5.96 -19.20 0.62
C ALA A 166 5.31 -18.41 -0.52
N ILE A 167 5.72 -17.14 -0.68
CA ILE A 167 5.16 -16.33 -1.76
C ILE A 167 5.45 -16.95 -3.11
N ALA A 168 6.70 -17.38 -3.31
CA ALA A 168 7.10 -17.99 -4.58
C ALA A 168 6.34 -19.30 -4.83
N GLU A 169 6.15 -20.12 -3.79
CA GLU A 169 5.40 -21.34 -4.00
CA GLU A 169 5.37 -21.35 -3.91
C GLU A 169 3.93 -21.03 -4.31
N TRP A 170 3.33 -20.08 -3.60
CA TRP A 170 1.93 -19.71 -3.83
C TRP A 170 1.69 -19.29 -5.27
N GLY A 171 2.63 -18.57 -5.85
CA GLY A 171 2.50 -18.18 -7.24
C GLY A 171 1.82 -16.86 -7.45
N LEU A 172 1.98 -15.90 -6.54
CA LEU A 172 1.51 -14.55 -6.80
C LEU A 172 2.22 -13.96 -8.01
N ASP A 173 1.56 -13.02 -8.67
CA ASP A 173 2.21 -12.26 -9.71
C ASP A 173 2.76 -10.94 -9.20
N TYR A 174 2.16 -10.41 -8.15
CA TYR A 174 2.54 -9.12 -7.59
C TYR A 174 2.29 -9.20 -6.10
N VAL A 175 3.31 -8.87 -5.29
CA VAL A 175 3.14 -8.91 -3.84
C VAL A 175 3.44 -7.52 -3.28
N VAL A 176 2.60 -7.08 -2.35
CA VAL A 176 2.86 -5.87 -1.58
C VAL A 176 3.35 -6.33 -0.22
N LEU A 177 4.64 -6.09 0.06
CA LEU A 177 5.22 -6.32 1.37
C LEU A 177 5.05 -5.06 2.19
N THR A 178 4.39 -5.15 3.33
CA THR A 178 4.15 -3.93 4.08
C THR A 178 4.58 -4.10 5.52
N SER A 179 4.86 -2.98 6.16
CA SER A 179 5.25 -3.05 7.56
C SER A 179 4.80 -1.79 8.26
N VAL A 180 4.65 -1.91 9.58
CA VAL A 180 4.16 -0.79 10.39
C VAL A 180 5.36 0.00 10.90
N ASP A 181 5.09 1.10 11.60
CA ASP A 181 6.17 1.87 12.19
C ASP A 181 6.79 1.06 13.34
N ARG A 182 8.03 0.62 13.13
CA ARG A 182 8.75 -0.15 14.14
C ARG A 182 9.78 0.79 14.77
N ASP A 183 9.32 1.55 15.76
CA ASP A 183 10.19 2.49 16.46
C ASP A 183 11.27 1.78 17.26
N ASP A 184 11.01 0.53 17.65
CA ASP A 184 11.97 -0.20 18.45
C ASP A 184 13.25 -0.51 17.71
N MET A 185 13.25 -0.40 16.36
CA MET A 185 14.49 -0.77 15.70
C MET A 185 15.19 0.44 15.09
N PRO A 186 16.53 0.51 15.20
CA PRO A 186 17.23 1.70 14.71
C PRO A 186 16.97 1.99 13.24
N ASP A 187 16.92 0.96 12.40
CA ASP A 187 16.65 1.17 10.99
C ASP A 187 15.19 0.94 10.63
N GLY A 188 14.30 0.86 11.62
CA GLY A 188 12.89 0.67 11.35
C GLY A 188 12.54 -0.63 10.67
N GLY A 189 13.44 -1.59 10.64
CA GLY A 189 13.19 -2.83 9.94
C GLY A 189 13.67 -2.86 8.50
N ALA A 190 14.40 -1.84 8.05
CA ALA A 190 14.76 -1.76 6.64
C ALA A 190 15.59 -2.95 6.18
N GLU A 191 16.53 -3.42 7.00
CA GLU A 191 17.35 -4.55 6.54
C GLU A 191 16.52 -5.81 6.42
N HIS A 192 15.59 -6.01 7.36
CA HIS A 192 14.70 -7.16 7.34
C HIS A 192 13.83 -7.15 6.11
N ILE A 193 13.29 -5.98 5.77
CA ILE A 193 12.50 -5.85 4.54
C ILE A 193 13.37 -6.16 3.32
N ALA A 194 14.53 -5.53 3.24
CA ALA A 194 15.40 -5.72 2.08
C ALA A 194 15.82 -7.17 1.92
N LYS A 195 16.09 -7.86 3.02
CA LYS A 195 16.43 -9.28 2.94
C LYS A 195 15.30 -10.09 2.33
N THR A 196 14.05 -9.76 2.69
CA THR A 196 12.91 -10.50 2.16
C THR A 196 12.79 -10.29 0.66
N VAL A 197 12.89 -9.03 0.23
CA VAL A 197 12.87 -8.73 -1.21
C VAL A 197 13.95 -9.53 -1.93
N SER A 198 15.15 -9.55 -1.36
CA SER A 198 16.29 -10.16 -2.02
C SER A 198 16.10 -11.66 -2.18
N TYR A 199 15.63 -12.35 -1.12
CA TYR A 199 15.32 -13.77 -1.25
C TYR A 199 14.26 -14.00 -2.32
N LEU A 200 13.20 -13.18 -2.34
CA LEU A 200 12.12 -13.40 -3.29
C LEU A 200 12.61 -13.22 -4.71
N LYS A 201 13.37 -12.15 -4.98
CA LYS A 201 13.83 -11.88 -6.35
C LYS A 201 14.84 -12.93 -6.81
N GLU A 202 15.59 -13.51 -5.87
CA GLU A 202 16.51 -14.59 -6.23
C GLU A 202 15.72 -15.86 -6.55
N ARG A 203 14.63 -16.09 -5.84
CA ARG A 203 13.84 -17.29 -6.00
C ARG A 203 12.98 -17.24 -7.26
N ASN A 204 12.30 -16.13 -7.51
CA ASN A 204 11.48 -15.99 -8.71
C ASN A 204 11.51 -14.53 -9.15
N PRO A 205 12.40 -14.19 -10.08
CA PRO A 205 12.46 -12.81 -10.60
C PRO A 205 11.25 -12.41 -11.38
N LYS A 206 10.34 -13.34 -11.69
CA LYS A 206 9.12 -12.94 -12.39
C LYS A 206 8.14 -12.25 -11.46
N ILE A 207 8.27 -12.42 -10.14
CA ILE A 207 7.25 -11.86 -9.25
C ILE A 207 7.53 -10.39 -9.03
N LEU A 208 6.52 -9.55 -9.24
CA LEU A 208 6.68 -8.12 -9.02
C LEU A 208 6.55 -7.84 -7.53
N VAL A 209 7.37 -6.92 -7.02
CA VAL A 209 7.44 -6.65 -5.58
C VAL A 209 7.28 -5.16 -5.31
N GLU A 210 6.29 -4.84 -4.48
CA GLU A 210 6.09 -3.50 -3.97
C GLU A 210 6.38 -3.55 -2.48
N CYS A 211 7.10 -2.56 -1.96
CA CYS A 211 7.23 -2.37 -0.52
C CYS A 211 6.45 -1.13 -0.13
N LEU A 212 5.54 -1.29 0.81
CA LEU A 212 4.77 -0.17 1.35
C LEU A 212 5.28 0.04 2.77
N THR A 213 5.97 1.14 3.00
CA THR A 213 6.72 1.30 4.24
C THR A 213 6.34 2.57 4.97
N PRO A 214 6.64 2.62 6.24
CA PRO A 214 6.56 3.87 6.97
C PRO A 214 7.66 4.84 6.56
N ASP A 215 7.74 5.99 7.23
CA ASP A 215 8.70 6.99 6.78
C ASP A 215 10.09 6.81 7.37
N PHE A 216 10.28 5.80 8.23
CA PHE A 216 11.60 5.51 8.83
C PHE A 216 12.17 6.73 9.53
N ARG A 217 11.27 7.60 10.01
CA ARG A 217 11.69 8.85 10.66
CA ARG A 217 11.62 8.88 10.64
C ARG A 217 12.56 9.71 9.75
N GLY A 218 12.44 9.55 8.44
CA GLY A 218 13.26 10.29 7.52
C GLY A 218 14.71 9.86 7.46
N ASP A 219 15.05 8.71 8.07
CA ASP A 219 16.41 8.15 8.07
C ASP A 219 16.75 7.77 6.64
N LEU A 220 17.59 8.59 6.01
CA LEU A 220 17.88 8.40 4.60
C LEU A 220 18.56 7.06 4.33
N LYS A 221 19.33 6.53 5.28
CA LYS A 221 20.01 5.26 5.06
CA LYS A 221 20.01 5.27 5.06
C LYS A 221 19.04 4.10 5.09
N ALA A 222 18.02 4.17 5.95
CA ALA A 222 16.98 3.13 5.98
C ALA A 222 16.18 3.14 4.69
N ILE A 223 15.78 4.33 4.25
CA ILE A 223 15.07 4.47 2.97
C ILE A 223 15.91 3.89 1.84
N GLU A 224 17.20 4.23 1.82
CA GLU A 224 18.12 3.74 0.80
C GLU A 224 18.20 2.22 0.81
N LYS A 225 18.23 1.61 2.01
CA LYS A 225 18.30 0.16 2.10
C LYS A 225 17.11 -0.52 1.41
N VAL A 226 15.92 0.01 1.65
CA VAL A 226 14.74 -0.55 0.98
C VAL A 226 14.77 -0.24 -0.51
N ALA A 227 15.09 1.00 -0.87
CA ALA A 227 15.04 1.37 -2.28
C ALA A 227 16.09 0.65 -3.13
N LEU A 228 17.18 0.18 -2.53
CA LEU A 228 18.21 -0.55 -3.26
C LEU A 228 18.01 -2.06 -3.21
N SER A 229 16.90 -2.53 -2.64
CA SER A 229 16.72 -3.94 -2.35
C SER A 229 16.42 -4.79 -3.57
N GLY A 230 16.08 -4.18 -4.73
CA GLY A 230 15.65 -4.92 -5.88
C GLY A 230 14.14 -4.89 -6.11
N LEU A 231 13.42 -4.14 -5.31
CA LEU A 231 11.98 -4.03 -5.48
C LEU A 231 11.64 -3.33 -6.80
N ASP A 232 10.40 -3.54 -7.24
CA ASP A 232 9.91 -2.83 -8.42
C ASP A 232 9.25 -1.50 -8.09
N VAL A 233 8.53 -1.45 -6.97
CA VAL A 233 7.69 -0.31 -6.61
C VAL A 233 7.99 0.05 -5.17
N TYR A 234 8.30 1.33 -4.94
CA TYR A 234 8.51 1.88 -3.60
C TYR A 234 7.27 2.70 -3.27
N ALA A 235 6.46 2.21 -2.35
CA ALA A 235 5.24 2.92 -1.94
C ALA A 235 5.38 3.47 -0.53
N HIS A 236 4.88 4.70 -0.34
CA HIS A 236 4.87 5.30 0.98
C HIS A 236 3.71 6.28 0.97
N ASN A 237 2.77 6.13 1.91
CA ASN A 237 1.48 6.82 1.83
C ASN A 237 1.49 8.17 2.53
N VAL A 238 1.02 9.21 1.84
CA VAL A 238 0.81 10.52 2.47
C VAL A 238 -0.53 10.58 3.20
N GLU A 239 -1.49 9.71 2.83
CA GLU A 239 -2.77 9.48 3.50
C GLU A 239 -3.77 10.63 3.37
N THR A 240 -3.35 11.89 3.53
CA THR A 240 -4.31 12.99 3.41
C THR A 240 -3.60 14.25 2.93
N VAL A 241 -4.38 15.30 2.72
CA VAL A 241 -3.84 16.55 2.21
C VAL A 241 -3.05 17.27 3.31
N PRO A 242 -2.16 18.20 2.96
CA PRO A 242 -1.33 18.82 4.01
C PRO A 242 -2.12 19.47 5.13
N GLU A 243 -3.24 20.12 4.82
CA GLU A 243 -4.01 20.84 5.81
C GLU A 243 -4.65 19.92 6.85
N LEU A 244 -4.74 18.60 6.57
CA LEU A 244 -5.36 17.66 7.50
C LEU A 244 -4.36 16.71 8.16
N GLN A 245 -3.06 16.90 7.92
CA GLN A 245 -2.06 15.96 8.46
C GLN A 245 -2.13 15.90 9.98
N SER A 246 -2.26 17.05 10.65
CA SER A 246 -2.24 17.00 12.12
C SER A 246 -3.50 16.37 12.70
N LYS A 247 -4.65 16.58 12.05
CA LYS A 247 -5.88 15.94 12.49
C LYS A 247 -5.82 14.43 12.26
N VAL A 248 -5.23 13.99 11.16
CA VAL A 248 -5.37 12.60 10.74
C VAL A 248 -4.18 11.74 11.16
N ARG A 249 -2.97 12.21 10.86
CA ARG A 249 -1.76 11.41 11.02
C ARG A 249 -1.09 11.74 12.33
N ASP A 250 -0.29 10.80 12.81
CA ASP A 250 0.41 11.08 14.05
C ASP A 250 1.39 12.23 13.86
N PRO A 251 1.57 13.11 14.87
CA PRO A 251 2.48 14.24 14.68
C PRO A 251 3.94 13.85 14.42
N ARG A 252 4.33 12.59 14.61
CA ARG A 252 5.69 12.18 14.26
CA ARG A 252 5.66 12.11 14.24
C ARG A 252 5.92 12.14 12.74
N VAL A 253 4.88 12.23 11.93
CA VAL A 253 4.99 12.20 10.48
C VAL A 253 4.33 13.45 9.94
N ASN A 254 4.65 13.79 8.69
CA ASN A 254 4.01 14.96 8.07
C ASN A 254 4.16 14.87 6.55
N PHE A 255 3.50 15.80 5.86
CA PHE A 255 3.46 15.73 4.39
C PHE A 255 4.83 15.95 3.79
N ASP A 256 5.58 16.96 4.28
CA ASP A 256 6.89 17.24 3.71
C ASP A 256 7.85 16.09 3.91
N GLN A 257 7.84 15.48 5.10
CA GLN A 257 8.74 14.36 5.33
CA GLN A 257 8.72 14.34 5.37
C GLN A 257 8.37 13.17 4.47
N SER A 258 7.07 12.90 4.29
CA SER A 258 6.67 11.78 3.44
C SER A 258 7.06 12.03 1.98
N LEU A 259 6.96 13.28 1.52
CA LEU A 259 7.43 13.58 0.17
C LEU A 259 8.94 13.40 0.06
N ARG A 260 9.68 13.70 1.14
CA ARG A 260 11.13 13.52 1.11
C ARG A 260 11.51 12.05 1.04
N VAL A 261 10.70 11.16 1.64
CA VAL A 261 10.90 9.72 1.50
C VAL A 261 10.81 9.33 0.04
N LEU A 262 9.70 9.72 -0.60
CA LEU A 262 9.48 9.33 -2.00
C LEU A 262 10.57 9.91 -2.91
N LYS A 263 10.94 11.16 -2.68
CA LYS A 263 12.01 11.75 -3.48
C LYS A 263 13.34 11.04 -3.27
N HIS A 264 13.65 10.67 -2.03
CA HIS A 264 14.95 10.04 -1.77
C HIS A 264 15.00 8.65 -2.38
N ALA A 265 13.89 7.91 -2.35
CA ALA A 265 13.88 6.60 -2.97
C ALA A 265 14.21 6.71 -4.46
N LYS A 266 13.64 7.70 -5.14
CA LYS A 266 13.93 7.88 -6.56
C LYS A 266 15.32 8.43 -6.80
N LYS A 267 15.85 9.24 -5.88
CA LYS A 267 17.23 9.71 -6.05
C LYS A 267 18.23 8.55 -6.00
N VAL A 268 18.07 7.64 -5.04
CA VAL A 268 19.07 6.59 -4.90
C VAL A 268 18.82 5.42 -5.85
N GLN A 269 17.58 5.21 -6.31
CA GLN A 269 17.27 4.16 -7.27
C GLN A 269 16.35 4.74 -8.34
N PRO A 270 16.91 5.39 -9.35
CA PRO A 270 16.07 6.10 -10.30
C PRO A 270 15.13 5.21 -11.12
N ASP A 271 15.38 3.90 -11.19
CA ASP A 271 14.37 3.23 -12.00
CA ASP A 271 14.62 2.84 -11.88
C ASP A 271 13.33 2.50 -11.16
N VAL A 272 13.29 2.76 -9.85
CA VAL A 272 12.15 2.28 -9.06
C VAL A 272 10.92 3.11 -9.39
N ILE A 273 9.75 2.46 -9.35
CA ILE A 273 8.47 3.15 -9.52
C ILE A 273 8.05 3.65 -8.15
N SER A 274 7.75 4.94 -8.02
CA SER A 274 7.31 5.48 -6.74
C SER A 274 5.79 5.60 -6.73
N LYS A 275 5.20 5.38 -5.55
CA LYS A 275 3.76 5.28 -5.43
C LYS A 275 3.32 5.84 -4.10
N THR A 276 2.16 6.51 -4.09
CA THR A 276 1.56 6.91 -2.82
C THR A 276 0.05 6.78 -2.90
N SER A 277 -0.56 6.78 -1.72
CA SER A 277 -2.01 6.65 -1.59
C SER A 277 -2.55 7.73 -0.68
N ILE A 278 -3.75 8.21 -1.01
CA ILE A 278 -4.48 9.17 -0.19
C ILE A 278 -5.89 8.63 0.04
N MET A 279 -6.43 8.92 1.21
CA MET A 279 -7.82 8.61 1.53
C MET A 279 -8.66 9.87 1.38
N LEU A 280 -9.82 9.72 0.78
CA LEU A 280 -10.82 10.77 0.75
C LEU A 280 -11.93 10.47 1.74
N GLY A 281 -12.70 11.51 2.06
CA GLY A 281 -13.77 11.39 3.03
C GLY A 281 -13.44 11.85 4.43
N LEU A 282 -12.31 12.52 4.62
CA LEU A 282 -11.87 13.00 5.93
C LEU A 282 -12.06 14.51 6.09
N GLY A 283 -12.77 15.15 5.18
CA GLY A 283 -13.01 16.58 5.27
C GLY A 283 -12.23 17.42 4.28
N GLU A 284 -11.36 16.81 3.47
CA GLU A 284 -10.61 17.55 2.48
C GLU A 284 -11.57 18.16 1.45
N ASN A 285 -11.16 19.27 0.83
CA ASN A 285 -11.94 19.84 -0.26
C ASN A 285 -11.18 19.63 -1.58
N ASP A 286 -11.87 19.91 -2.69
CA ASP A 286 -11.32 19.60 -4.02
C ASP A 286 -10.05 20.39 -4.31
N GLU A 287 -10.04 21.65 -3.89
CA GLU A 287 -8.87 22.48 -4.11
CA GLU A 287 -8.86 22.49 -4.10
C GLU A 287 -7.63 21.90 -3.41
N GLN A 288 -7.83 21.35 -2.21
CA GLN A 288 -6.74 20.74 -1.47
C GLN A 288 -6.27 19.45 -2.13
N VAL A 289 -7.22 18.64 -2.62
CA VAL A 289 -6.84 17.38 -3.28
C VAL A 289 -6.05 17.66 -4.54
N TYR A 290 -6.55 18.57 -5.37
CA TYR A 290 -5.84 18.89 -6.61
C TYR A 290 -4.43 19.41 -6.32
N ALA A 291 -4.30 20.33 -5.33
CA ALA A 291 -2.98 20.87 -4.98
C ALA A 291 -2.05 19.77 -4.48
N THR A 292 -2.60 18.79 -3.75
CA THR A 292 -1.78 17.67 -3.30
C THR A 292 -1.31 16.83 -4.47
N MET A 293 -2.21 16.54 -5.41
CA MET A 293 -1.84 15.76 -6.60
C MET A 293 -0.73 16.48 -7.39
N LYS A 294 -0.84 17.82 -7.51
CA LYS A 294 0.21 18.57 -8.21
C LYS A 294 1.54 18.50 -7.48
N ALA A 295 1.51 18.62 -6.14
CA ALA A 295 2.73 18.52 -5.34
C ALA A 295 3.39 17.16 -5.51
N LEU A 296 2.58 16.10 -5.59
CA LEU A 296 3.11 14.75 -5.78
C LEU A 296 3.78 14.63 -7.15
N ARG A 297 3.16 15.18 -8.21
CA ARG A 297 3.82 15.15 -9.52
C ARG A 297 5.15 15.90 -9.48
N GLU A 298 5.20 17.04 -8.80
CA GLU A 298 6.45 17.79 -8.74
CA GLU A 298 6.43 17.81 -8.66
C GLU A 298 7.53 17.01 -7.99
N ALA A 299 7.16 16.17 -7.02
CA ALA A 299 8.09 15.25 -6.36
C ALA A 299 8.39 14.01 -7.22
N ASP A 300 7.89 13.95 -8.47
CA ASP A 300 8.15 12.83 -9.39
C ASP A 300 7.54 11.52 -8.90
N VAL A 301 6.40 11.58 -8.21
CA VAL A 301 5.71 10.36 -7.83
C VAL A 301 5.02 9.77 -9.05
N ASP A 302 5.29 8.51 -9.35
CA ASP A 302 4.85 7.90 -10.59
C ASP A 302 3.38 7.52 -10.56
N CYS A 303 2.89 6.96 -9.43
CA CYS A 303 1.58 6.32 -9.36
C CYS A 303 0.86 6.78 -8.11
N LEU A 304 -0.47 6.86 -8.20
CA LEU A 304 -1.29 7.36 -7.10
C LEU A 304 -2.52 6.48 -6.92
N THR A 305 -2.93 6.23 -5.67
CA THR A 305 -4.24 5.64 -5.43
C THR A 305 -5.04 6.56 -4.52
N LEU A 306 -6.35 6.62 -4.77
CA LEU A 306 -7.31 7.36 -3.94
C LEU A 306 -8.45 6.42 -3.59
N GLY A 307 -8.83 6.36 -2.31
CA GLY A 307 -9.88 5.44 -1.91
C GLY A 307 -10.62 6.06 -0.74
N GLN A 308 -11.70 5.39 -0.33
CA GLN A 308 -12.54 5.94 0.73
C GLN A 308 -11.98 5.61 2.10
N TYR A 309 -11.91 6.63 2.97
CA TYR A 309 -11.63 6.38 4.39
C TYR A 309 -12.84 5.67 5.01
N MET A 310 -12.58 4.52 5.65
CA MET A 310 -13.59 3.76 6.35
C MET A 310 -13.22 3.70 7.82
N GLN A 311 -14.13 4.14 8.69
CA GLN A 311 -13.83 4.24 10.12
C GLN A 311 -13.73 2.84 10.71
N PRO A 312 -12.57 2.44 11.26
CA PRO A 312 -12.44 1.04 11.74
C PRO A 312 -13.26 0.73 12.99
N THR A 313 -13.26 1.63 13.98
CA THR A 313 -14.04 1.49 15.21
C THR A 313 -14.57 2.87 15.63
N ARG A 314 -15.42 2.90 16.65
CA ARG A 314 -15.97 4.18 17.08
CA ARG A 314 -15.98 4.17 17.13
C ARG A 314 -14.91 5.11 17.68
N ARG A 315 -13.76 4.59 18.12
CA ARG A 315 -12.70 5.47 18.62
C ARG A 315 -12.01 6.22 17.49
N HIS A 316 -12.10 5.70 16.26
CA HIS A 316 -11.36 6.29 15.17
C HIS A 316 -12.12 7.48 14.59
N LEU A 317 -11.46 8.23 13.70
CA LEU A 317 -12.09 9.42 13.13
C LEU A 317 -13.42 9.07 12.50
N LYS A 318 -14.41 9.93 12.70
CA LYS A 318 -15.65 9.76 11.96
C LYS A 318 -15.41 9.99 10.47
N VAL A 319 -16.20 9.29 9.65
CA VAL A 319 -16.21 9.60 8.21
C VAL A 319 -16.93 10.91 7.98
N GLU A 320 -16.30 11.83 7.23
CA GLU A 320 -17.00 13.08 6.94
C GLU A 320 -18.02 12.93 5.82
N GLU A 321 -17.74 12.07 4.85
CA GLU A 321 -18.69 11.79 3.79
C GLU A 321 -18.17 10.61 3.00
N TYR A 322 -19.09 9.83 2.41
CA TYR A 322 -18.71 8.81 1.44
C TYR A 322 -18.66 9.46 0.06
N ILE A 323 -17.46 9.49 -0.53
CA ILE A 323 -17.23 10.08 -1.84
C ILE A 323 -17.86 9.18 -2.91
N THR A 324 -18.49 9.78 -3.90
CA THR A 324 -19.27 8.96 -4.80
C THR A 324 -18.39 8.26 -5.83
N PRO A 325 -18.93 7.20 -6.44
CA PRO A 325 -18.17 6.52 -7.50
C PRO A 325 -17.77 7.45 -8.63
N GLU A 326 -18.66 8.34 -9.06
CA GLU A 326 -18.29 9.19 -10.18
C GLU A 326 -17.30 10.26 -9.76
N LYS A 327 -17.31 10.69 -8.49
CA LYS A 327 -16.30 11.66 -8.08
C LYS A 327 -14.93 10.99 -8.04
N PHE A 328 -14.86 9.72 -7.63
CA PHE A 328 -13.58 9.02 -7.74
C PHE A 328 -13.14 8.92 -9.19
N LYS A 329 -14.08 8.74 -10.13
CA LYS A 329 -13.71 8.68 -11.53
C LYS A 329 -13.21 10.03 -12.02
N TYR A 330 -13.74 11.11 -11.49
CA TYR A 330 -13.19 12.43 -11.78
C TYR A 330 -11.73 12.51 -11.35
N TRP A 331 -11.43 12.06 -10.14
CA TRP A 331 -10.04 12.18 -9.70
C TRP A 331 -9.10 11.30 -10.52
N GLU A 332 -9.57 10.16 -11.02
CA GLU A 332 -8.77 9.37 -11.98
C GLU A 332 -8.43 10.19 -13.21
N LYS A 333 -9.44 10.88 -13.76
CA LYS A 333 -9.22 11.74 -14.93
C LYS A 333 -8.20 12.84 -14.63
N VAL A 334 -8.31 13.46 -13.45
CA VAL A 334 -7.36 14.49 -13.03
C VAL A 334 -5.97 13.90 -12.94
N GLY A 335 -5.86 12.71 -12.35
CA GLY A 335 -4.55 12.09 -12.24
C GLY A 335 -3.95 11.82 -13.62
N ASN A 336 -4.78 11.34 -14.55
CA ASN A 336 -4.30 11.11 -15.92
C ASN A 336 -3.79 12.40 -16.53
N GLU A 337 -4.52 13.50 -16.35
CA GLU A 337 -4.14 14.76 -16.96
C GLU A 337 -2.87 15.33 -16.32
N LEU A 338 -2.66 15.12 -15.03
CA LEU A 338 -1.45 15.58 -14.39
C LEU A 338 -0.24 14.73 -14.71
N GLY A 339 -0.43 13.57 -15.33
CA GLY A 339 0.66 12.78 -15.85
C GLY A 339 1.10 11.60 -15.01
N PHE A 340 0.32 11.22 -13.98
CA PHE A 340 0.64 9.99 -13.28
C PHE A 340 0.59 8.80 -14.23
N HIS A 341 1.50 7.85 -14.04
CA HIS A 341 1.48 6.68 -14.90
C HIS A 341 0.26 5.82 -14.68
N TYR A 342 -0.25 5.76 -13.44
CA TYR A 342 -1.63 5.37 -13.27
C TYR A 342 -2.18 6.05 -12.02
N THR A 343 -3.51 6.23 -12.01
CA THR A 343 -4.27 6.75 -10.87
C THR A 343 -5.36 5.72 -10.61
N ALA A 344 -5.19 4.90 -9.58
CA ALA A 344 -6.24 3.96 -9.16
C ALA A 344 -7.18 4.72 -8.24
N SER A 345 -8.46 4.82 -8.58
CA SER A 345 -9.33 5.71 -7.79
C SER A 345 -10.71 5.09 -7.69
N GLY A 346 -11.20 4.93 -6.47
CA GLY A 346 -12.53 4.37 -6.32
C GLY A 346 -12.81 4.10 -4.86
N PRO A 347 -14.07 3.92 -4.50
CA PRO A 347 -14.40 3.82 -3.06
C PRO A 347 -13.65 2.71 -2.36
N LEU A 348 -13.49 1.56 -3.00
CA LEU A 348 -12.83 0.40 -2.37
C LEU A 348 -11.33 0.34 -2.64
N VAL A 349 -10.78 1.33 -3.34
CA VAL A 349 -9.34 1.33 -3.61
C VAL A 349 -8.54 1.51 -2.31
N ARG A 350 -7.45 0.78 -2.24
CA ARG A 350 -6.38 1.01 -1.27
CA ARG A 350 -6.38 1.07 -1.30
C ARG A 350 -5.09 0.77 -2.01
N SER A 351 -3.95 0.93 -1.34
CA SER A 351 -2.70 0.98 -2.07
CA SER A 351 -2.69 0.97 -2.04
C SER A 351 -2.49 -0.28 -2.90
N SER A 352 -2.88 -1.45 -2.38
CA SER A 352 -2.62 -2.70 -3.07
C SER A 352 -3.70 -3.13 -4.06
N TYR A 353 -4.83 -2.43 -4.13
CA TYR A 353 -5.97 -2.88 -4.93
C TYR A 353 -5.58 -3.13 -6.39
N LYS A 354 -5.70 -4.40 -6.79
CA LYS A 354 -5.39 -4.84 -8.15
C LYS A 354 -4.04 -4.30 -8.62
N ALA A 355 -3.08 -4.17 -7.69
CA ALA A 355 -1.84 -3.49 -8.03
C ALA A 355 -1.17 -4.16 -9.22
N GLY A 356 -1.24 -5.47 -9.32
CA GLY A 356 -0.61 -6.14 -10.45
C GLY A 356 -1.29 -5.83 -11.76
N GLU A 357 -2.61 -5.61 -11.72
CA GLU A 357 -3.34 -5.27 -12.93
C GLU A 357 -3.03 -3.85 -13.38
N PHE A 358 -2.97 -2.91 -12.43
CA PHE A 358 -2.59 -1.54 -12.79
C PHE A 358 -1.18 -1.51 -13.35
N PHE A 359 -0.29 -2.30 -12.77
CA PHE A 359 1.10 -2.32 -13.24
C PHE A 359 1.18 -2.89 -14.66
N LEU A 360 0.51 -4.02 -14.90
CA LEU A 360 0.56 -4.63 -16.24
C LEU A 360 -0.12 -3.75 -17.28
N LYS A 361 -1.25 -3.14 -16.94
CA LYS A 361 -1.94 -2.36 -17.96
C LYS A 361 -1.23 -1.05 -18.26
N ASN A 362 -0.77 -0.35 -17.23
CA ASN A 362 -0.40 1.05 -17.37
C ASN A 362 1.09 1.31 -17.43
N LEU A 363 1.91 0.40 -16.91
CA LEU A 363 3.37 0.55 -16.98
C LEU A 363 3.96 -0.40 -18.01
N VAL A 364 3.65 -1.68 -17.88
CA VAL A 364 4.14 -2.70 -18.82
C VAL A 364 3.43 -2.60 -20.16
N ALA A 365 2.20 -2.07 -20.18
CA ALA A 365 1.34 -2.06 -21.37
C ALA A 365 1.26 -3.46 -22.00
N LYS A 366 1.04 -4.47 -21.17
CA LYS A 366 1.05 -5.84 -21.65
C LYS A 366 -0.10 -6.10 -22.61
N ARG A 367 0.22 -6.68 -23.78
CA ARG A 367 -0.82 -7.06 -24.73
C ARG A 367 -1.44 -8.39 -24.31
N LYS A 368 -2.75 -8.41 -24.19
CA LYS A 368 -3.46 -9.58 -23.66
C LYS A 368 -3.27 -10.81 -24.55
C1 GLC B . 20.09 2.54 -15.82
C2 GLC B . 19.76 1.16 -15.23
C3 GLC B . 20.46 0.10 -15.99
C4 GLC B . 20.06 0.16 -17.44
C5 GLC B . 20.25 1.55 -18.05
C6 GLC B . 19.68 1.64 -19.46
O1 GLC B . 21.45 2.73 -15.85
O2 GLC B . 20.12 1.05 -13.81
O3 GLC B . 20.10 -1.25 -15.48
O4 GLC B . 20.87 -0.79 -18.16
O5 GLC B . 19.64 2.62 -17.24
O6 GLC B . 18.25 1.37 -19.44
C1 GLC B . 21.80 4.07 -16.05
C2 GLC B . 23.27 4.16 -16.18
C3 GLC B . 23.94 3.73 -14.95
C4 GLC B . 23.48 4.51 -13.76
C5 GLC B . 21.95 4.32 -13.57
C6 GLC B . 21.40 5.07 -12.45
O2 GLC B . 23.72 3.27 -17.30
O3 GLC B . 25.40 3.90 -15.12
O4 GLC B . 24.16 4.08 -12.59
O5 GLC B . 21.30 4.81 -14.87
O6 GLC B . 19.99 4.74 -12.35
S1 DTT C . 3.19 3.46 9.06
S1 DTT C . 3.24 3.26 9.23
C1 DTT C . 2.97 3.15 7.30
C1 DTT C . 2.82 2.18 7.84
C2 DTT C . 1.63 2.55 6.83
C2 DTT C . 1.52 2.55 7.17
O2 DTT C . 0.81 2.11 7.87
O2 DTT C . 0.45 2.78 8.02
C3 DTT C . 1.88 1.37 5.88
C3 DTT C . 1.02 1.52 6.20
O3 DTT C . 3.14 0.82 6.18
O3 DTT C . 1.24 2.31 5.07
C4 DTT C . 0.70 0.36 5.86
C4 DTT C . 1.74 0.17 6.28
S4 DTT C . 0.39 -0.74 7.28
S4 DTT C . 0.86 -1.20 7.17
S SO4 D . -2.13 -6.49 24.00
O1 SO4 D . -0.91 -6.89 23.31
O2 SO4 D . -3.15 -6.17 23.01
O3 SO4 D . -2.59 -7.58 24.85
O4 SO4 D . -1.86 -5.31 24.84
FE1 SF4 E . -0.09 4.52 12.44
FE2 SF4 E . 0.88 2.05 12.92
FE3 SF4 E . 1.25 3.17 10.46
FE4 SF4 E . -1.19 2.42 11.30
S1 SF4 E . 0.55 1.05 10.92
S2 SF4 E . -0.64 4.39 10.23
S3 SF4 E . -1.16 2.80 13.55
S4 SF4 E . 2.08 3.95 12.50
FE1 SF4 F . -5.02 -5.14 -1.09
FE2 SF4 F . -5.44 -7.78 -0.58
FE3 SF4 F . -6.49 -6.58 -2.75
FE4 SF4 F . -7.48 -6.00 -0.34
S1 SF4 F . -7.58 -8.06 -1.42
S2 SF4 F . -7.02 -4.49 -1.94
S3 SF4 F . -5.59 -6.09 0.94
S4 SF4 F . -4.27 -6.91 -2.30
#